data_5PWC
#
_entry.id   5PWC
#
_cell.length_a   127.740
_cell.length_b   45.415
_cell.length_c   83.292
_cell.angle_alpha   90.000
_cell.angle_beta   102.230
_cell.angle_gamma   90.000
#
_symmetry.space_group_name_H-M   'C 1 2 1'
#
loop_
_entity.id
_entity.type
_entity.pdbx_description
1 polymer 'Nuclear autoantigen Sp-100'
2 non-polymer 'ZINC ION'
3 non-polymer '2-(N-MORPHOLINO)-ETHANESULFONIC ACID'
4 non-polymer 1,2-ETHANEDIOL
5 non-polymer 2,4-dichloro-N-(pyridin-3-yl)benzamide
6 non-polymer 'CHLORIDE ION'
7 water water
#
_entity_poly.entity_id   1
_entity_poly.type   'polypeptide(L)'
_entity_poly.pdbx_seq_one_letter_code
;ENSNICEVCNKWGRLFCCDTCPRSFHEHCHIPSVEANKNPWSCIFCRIKTIQERCPESQSGHQESEVLMRQMLPEEQLKC
EFLLLKVYCDSKSCFFASEPYYNREGSQGPQKPMWLNKVKTSLNEQMYTRVEGFVQDMRLIFHNHKEFYREDKFTRLGIQ
VQDIFEKNFRNIFAIQETSK
;
_entity_poly.pdbx_strand_id   A,B
#
loop_
_chem_comp.id
_chem_comp.type
_chem_comp.name
_chem_comp.formula
CL non-polymer 'CHLORIDE ION' 'Cl -1'
EDO non-polymer 1,2-ETHANEDIOL 'C2 H6 O2'
MES non-polymer '2-(N-MORPHOLINO)-ETHANESULFONIC ACID' 'C6 H13 N O4 S'
W77 non-polymer 2,4-dichloro-N-(pyridin-3-yl)benzamide 'C12 H8 Cl2 N2 O'
ZN non-polymer 'ZINC ION' 'Zn 2'
#
# COMPACT_ATOMS: atom_id res chain seq x y z
N ASN A 2 5.50 26.90 -9.37
CA ASN A 2 5.79 25.69 -8.60
C ASN A 2 4.56 24.82 -8.44
N SER A 3 4.79 23.52 -8.26
CA SER A 3 3.71 22.57 -8.04
C SER A 3 2.89 22.96 -6.81
N ASN A 4 1.63 22.54 -6.78
CA ASN A 4 0.70 22.83 -5.68
C ASN A 4 0.51 21.66 -4.74
N ILE A 5 1.28 20.59 -4.95
CA ILE A 5 1.27 19.48 -3.99
C ILE A 5 2.71 19.08 -3.67
N CYS A 6 2.88 18.49 -2.48
CA CYS A 6 4.18 17.94 -2.04
C CYS A 6 4.69 16.84 -2.99
N GLU A 7 5.97 16.93 -3.36
CA GLU A 7 6.55 16.00 -4.32
C GLU A 7 6.55 14.58 -3.76
N VAL A 8 6.66 14.48 -2.45
CA VAL A 8 6.87 13.20 -1.78
C VAL A 8 5.54 12.49 -1.50
N CYS A 9 4.62 13.19 -0.84
CA CYS A 9 3.39 12.54 -0.37
C CYS A 9 2.16 12.93 -1.19
N ASN A 10 2.34 13.89 -2.09
CA ASN A 10 1.32 14.26 -3.07
C ASN A 10 0.07 14.90 -2.49
N LYS A 11 0.22 15.49 -1.30
CA LYS A 11 -0.83 16.24 -0.62
C LYS A 11 -0.51 17.73 -0.65
N TRP A 12 -1.55 18.57 -0.57
CA TRP A 12 -1.36 19.99 -0.40
C TRP A 12 -1.06 20.25 1.07
N GLY A 13 -0.79 21.51 1.40
CA GLY A 13 -0.61 21.93 2.78
C GLY A 13 0.33 23.11 2.82
N ARG A 14 1.06 23.23 3.94
CA ARG A 14 2.14 24.20 4.05
C ARG A 14 3.33 23.70 3.22
N LEU A 15 3.53 24.29 2.04
CA LEU A 15 4.55 23.82 1.09
C LEU A 15 5.68 24.83 0.97
N PHE A 16 6.88 24.31 0.78
CA PHE A 16 8.06 25.11 0.50
C PHE A 16 8.49 24.85 -0.94
N CYS A 17 8.73 25.91 -1.69
CA CYS A 17 8.95 25.78 -3.12
C CYS A 17 10.42 25.87 -3.46
N CYS A 18 10.86 24.99 -4.35
CA CYS A 18 12.21 25.07 -4.88
C CYS A 18 12.37 26.28 -5.79
N ASP A 19 13.51 26.96 -5.70
CA ASP A 19 13.73 28.11 -6.56
C ASP A 19 14.34 27.75 -7.91
N THR A 20 14.91 26.56 -8.03
CA THR A 20 15.59 26.20 -9.25
C THR A 20 14.88 25.08 -10.00
N CYS A 21 13.71 24.66 -9.50
CA CYS A 21 12.82 23.76 -10.24
C CYS A 21 11.42 23.92 -9.70
N PRO A 22 10.42 23.33 -10.36
CA PRO A 22 9.00 23.50 -10.02
C PRO A 22 8.50 22.68 -8.82
N ARG A 23 9.37 21.89 -8.18
CA ARG A 23 8.89 21.03 -7.09
C ARG A 23 8.60 21.77 -5.78
N SER A 24 7.70 21.21 -4.97
CA SER A 24 7.36 21.77 -3.65
C SER A 24 7.34 20.68 -2.59
N PHE A 25 7.51 21.03 -1.32
CA PHE A 25 7.66 20.04 -0.24
C PHE A 25 7.05 20.43 1.09
N HIS A 26 6.44 19.47 1.77
CA HIS A 26 6.23 19.70 3.17
C HIS A 26 7.59 19.77 3.83
N GLU A 27 7.63 20.48 4.95
CA GLU A 27 8.85 20.65 5.73
C GLU A 27 9.61 19.35 5.98
N HIS A 28 8.93 18.36 6.57
CA HIS A 28 9.55 17.11 6.98
C HIS A 28 9.36 15.98 5.97
N CYS A 29 8.80 16.29 4.81
CA CYS A 29 8.81 15.38 3.67
C CYS A 29 10.14 15.50 2.93
N HIS A 30 10.64 16.72 2.76
CA HIS A 30 11.98 16.92 2.21
C HIS A 30 12.99 16.28 3.15
N ILE A 31 14.09 15.76 2.58
CA ILE A 31 15.20 15.25 3.38
C ILE A 31 16.47 15.88 2.79
N PRO A 32 17.26 16.55 3.63
CA PRO A 32 17.01 16.97 5.01
C PRO A 32 15.75 17.85 5.14
N SER A 33 15.16 17.97 6.34
CA SER A 33 14.01 18.87 6.53
C SER A 33 14.29 20.27 5.99
N VAL A 34 13.30 20.88 5.34
CA VAL A 34 13.51 22.14 4.62
C VAL A 34 14.15 23.17 5.57
N GLU A 35 15.22 23.78 5.09
CA GLU A 35 16.04 24.67 5.91
C GLU A 35 15.34 26.01 6.16
N PRO A 40 18.07 32.27 -1.60
CA PRO A 40 17.30 31.29 -2.36
C PRO A 40 17.48 29.86 -1.83
N TRP A 41 16.59 28.96 -2.22
CA TRP A 41 16.62 27.56 -1.76
C TRP A 41 16.50 26.57 -2.92
N SER A 42 17.38 25.57 -2.92
CA SER A 42 17.31 24.53 -3.94
C SER A 42 17.04 23.18 -3.25
N CYS A 43 16.07 22.45 -3.81
CA CYS A 43 15.69 21.11 -3.29
C CYS A 43 16.76 20.06 -3.54
N ILE A 44 16.66 18.94 -2.82
CA ILE A 44 17.60 17.83 -3.02
C ILE A 44 17.66 17.29 -4.47
N PHE A 45 16.56 17.32 -5.24
CA PHE A 45 16.65 16.90 -6.64
C PHE A 45 17.63 17.80 -7.38
N CYS A 46 17.58 19.09 -7.07
CA CYS A 46 18.42 20.05 -7.76
C CYS A 46 19.88 19.89 -7.33
N ARG A 47 20.08 19.66 -6.03
CA ARG A 47 21.44 19.51 -5.51
C ARG A 47 22.09 18.27 -6.09
N ILE A 48 21.30 17.21 -6.24
CA ILE A 48 21.81 15.97 -6.84
C ILE A 48 22.18 16.20 -8.32
N LYS A 49 21.35 16.94 -9.04
CA LYS A 49 21.65 17.25 -10.43
C LYS A 49 22.94 18.07 -10.52
N THR A 50 23.12 19.02 -9.61
CA THR A 50 24.36 19.82 -9.63
C THR A 50 25.65 18.99 -9.47
N ILE A 51 25.59 17.99 -8.59
CA ILE A 51 26.71 17.07 -8.41
C ILE A 51 27.08 16.42 -9.73
N GLN A 52 26.07 15.88 -10.41
CA GLN A 52 26.27 15.23 -11.69
C GLN A 52 26.86 16.18 -12.71
N GLU A 53 26.34 17.39 -12.76
CA GLU A 53 26.79 18.38 -13.75
C GLU A 53 28.22 18.85 -13.50
N ARG A 54 28.64 18.91 -12.23
CA ARG A 54 30.01 19.29 -11.93
C ARG A 54 31.03 18.17 -12.14
N CYS A 55 30.56 16.93 -12.23
CA CYS A 55 31.44 15.79 -12.46
CA CYS A 55 31.44 15.77 -12.44
C CYS A 55 30.74 14.76 -13.34
N PRO A 56 30.69 15.04 -14.66
CA PRO A 56 29.96 14.19 -15.61
C PRO A 56 30.38 12.72 -15.52
N GLU A 57 31.66 12.48 -15.25
CA GLU A 57 32.21 11.14 -15.17
CA GLU A 57 32.16 11.11 -15.21
C GLU A 57 31.59 10.36 -14.01
N SER A 58 30.96 11.08 -13.07
CA SER A 58 30.33 10.45 -11.92
C SER A 58 29.19 9.53 -12.34
N GLN A 59 28.70 9.68 -13.59
CA GLN A 59 27.65 8.82 -14.11
C GLN A 59 28.13 7.54 -14.81
N SER A 60 29.45 7.37 -14.95
CA SER A 60 29.96 6.09 -15.46
C SER A 60 29.70 4.97 -14.47
N GLY A 61 29.65 3.74 -14.98
CA GLY A 61 29.28 2.61 -14.13
C GLY A 61 30.25 2.38 -12.98
N HIS A 62 29.69 1.97 -11.82
CA HIS A 62 30.46 1.64 -10.64
C HIS A 62 30.13 0.24 -10.16
N GLN A 63 31.06 -0.36 -9.39
CA GLN A 63 30.77 -1.62 -8.74
C GLN A 63 30.09 -1.33 -7.40
N GLU A 64 29.08 -2.11 -7.08
CA GLU A 64 28.36 -1.91 -5.80
C GLU A 64 29.32 -2.06 -4.62
N SER A 65 30.29 -2.96 -4.73
CA SER A 65 31.20 -3.16 -3.60
C SER A 65 32.07 -1.94 -3.31
N GLU A 66 32.47 -1.24 -4.35
CA GLU A 66 33.20 0.00 -4.17
C GLU A 66 32.29 1.08 -3.57
N VAL A 67 31.07 1.18 -4.08
CA VAL A 67 30.15 2.19 -3.58
C VAL A 67 29.88 2.02 -2.10
N LEU A 68 29.69 0.77 -1.66
CA LEU A 68 29.33 0.56 -0.25
C LEU A 68 30.45 0.95 0.69
N MET A 69 31.71 0.79 0.25
CA MET A 69 32.82 1.14 1.13
C MET A 69 33.13 2.62 1.22
N ARG A 70 32.44 3.45 0.44
CA ARG A 70 32.72 4.89 0.49
C ARG A 70 32.38 5.48 1.83
N GLN A 71 33.27 6.32 2.36
CA GLN A 71 32.96 7.11 3.52
C GLN A 71 31.84 8.13 3.27
N MET A 72 31.07 8.39 4.32
CA MET A 72 29.95 9.31 4.19
C MET A 72 30.36 10.79 4.20
N LEU A 73 31.16 11.18 3.20
CA LEU A 73 31.47 12.59 2.98
C LEU A 73 30.18 13.29 2.55
N PRO A 74 30.18 14.64 2.49
CA PRO A 74 28.96 15.37 2.13
C PRO A 74 28.23 14.88 0.88
N GLU A 75 28.93 14.54 -0.21
CA GLU A 75 28.27 14.08 -1.42
CA GLU A 75 28.21 14.12 -1.40
C GLU A 75 27.53 12.77 -1.21
N GLU A 76 28.16 11.84 -0.50
CA GLU A 76 27.54 10.55 -0.26
CA GLU A 76 27.56 10.54 -0.24
C GLU A 76 26.40 10.64 0.76
N GLN A 77 26.58 11.45 1.77
CA GLN A 77 25.48 11.78 2.69
C GLN A 77 24.26 12.26 1.91
N LEU A 78 24.46 13.22 1.00
CA LEU A 78 23.34 13.72 0.17
C LEU A 78 22.66 12.65 -0.66
N LYS A 79 23.48 11.81 -1.28
CA LYS A 79 22.97 10.74 -2.13
CA LYS A 79 22.96 10.76 -2.16
C LYS A 79 22.13 9.78 -1.32
N CYS A 80 22.59 9.48 -0.10
CA CYS A 80 21.76 8.55 0.75
C CYS A 80 20.46 9.21 1.18
N GLU A 81 20.51 10.49 1.53
CA GLU A 81 19.29 11.26 1.85
C GLU A 81 18.30 11.23 0.67
N PHE A 82 18.81 11.40 -0.55
CA PHE A 82 17.97 11.39 -1.74
C PHE A 82 17.37 10.00 -1.99
N LEU A 83 18.19 8.97 -1.85
CA LEU A 83 17.71 7.60 -1.99
C LEU A 83 16.59 7.32 -0.97
N LEU A 84 16.80 7.73 0.28
CA LEU A 84 15.76 7.56 1.31
C LEU A 84 14.50 8.29 0.89
N LEU A 85 14.66 9.53 0.39
CA LEU A 85 13.48 10.29 -0.02
C LEU A 85 12.74 9.59 -1.16
N LYS A 86 13.45 8.97 -2.11
CA LYS A 86 12.80 8.28 -3.23
C LYS A 86 11.95 7.13 -2.69
N VAL A 87 12.38 6.48 -1.59
CA VAL A 87 11.53 5.44 -1.02
C VAL A 87 10.25 6.02 -0.40
N TYR A 88 10.39 7.11 0.35
CA TYR A 88 9.20 7.74 0.91
C TYR A 88 8.26 8.24 -0.17
N CYS A 89 8.75 8.51 -1.38
CA CYS A 89 7.89 8.98 -2.47
C CYS A 89 6.84 7.95 -2.89
N ASP A 90 7.10 6.68 -2.60
CA ASP A 90 6.12 5.63 -2.90
C ASP A 90 5.12 5.51 -1.77
N SER A 91 3.83 5.50 -2.09
CA SER A 91 2.83 5.45 -1.02
C SER A 91 2.94 4.20 -0.13
N LYS A 92 3.50 3.12 -0.67
CA LYS A 92 3.63 1.86 0.09
C LYS A 92 4.69 1.98 1.18
N SER A 93 5.49 3.05 1.14
CA SER A 93 6.44 3.29 2.24
C SER A 93 5.74 3.48 3.60
N CYS A 94 4.44 3.78 3.60
CA CYS A 94 3.74 3.93 4.88
C CYS A 94 3.89 2.72 5.78
N PHE A 95 3.91 1.52 5.18
CA PHE A 95 4.02 0.30 5.99
C PHE A 95 5.34 0.15 6.72
N PHE A 96 6.36 0.86 6.25
CA PHE A 96 7.73 0.71 6.71
C PHE A 96 8.24 1.96 7.43
N ALA A 97 7.40 2.98 7.56
CA ALA A 97 7.87 4.25 8.09
C ALA A 97 8.06 4.29 9.59
N SER A 98 7.08 3.78 10.35
CA SER A 98 7.20 3.89 11.80
CA SER A 98 7.13 3.87 11.80
C SER A 98 7.56 2.55 12.45
N GLU A 99 7.79 2.59 13.77
CA GLU A 99 8.25 1.39 14.47
C GLU A 99 7.21 0.28 14.46
N PRO A 100 7.61 -0.89 13.95
CA PRO A 100 6.75 -2.06 13.84
C PRO A 100 6.63 -2.82 15.16
N TYR A 101 5.57 -3.64 15.26
CA TYR A 101 5.53 -4.61 16.34
C TYR A 101 5.06 -5.97 15.79
N TYR A 102 5.36 -7.02 16.54
CA TYR A 102 5.33 -8.38 15.99
C TYR A 102 4.61 -9.36 16.89
N ASN A 103 3.35 -9.65 16.56
CA ASN A 103 2.58 -10.66 17.31
C ASN A 103 1.62 -11.36 16.36
N ARG A 104 2.15 -12.40 15.75
CA ARG A 104 1.41 -13.18 14.75
CA ARG A 104 1.43 -13.18 14.74
C ARG A 104 1.65 -14.64 15.05
N GLU A 105 0.58 -15.43 15.04
CA GLU A 105 0.72 -16.86 15.32
C GLU A 105 1.69 -17.50 14.32
N GLY A 106 2.62 -18.31 14.80
CA GLY A 106 3.54 -19.01 13.91
C GLY A 106 4.78 -18.24 13.50
N SER A 107 4.88 -16.98 13.92
CA SER A 107 6.05 -16.17 13.58
C SER A 107 6.67 -15.54 14.82
N GLN A 108 7.97 -15.29 14.73
CA GLN A 108 8.69 -14.58 15.77
C GLN A 108 9.24 -13.28 15.16
N GLY A 109 9.16 -12.17 15.88
CA GLY A 109 9.71 -10.92 15.39
C GLY A 109 11.20 -10.97 15.11
N PRO A 110 11.69 -10.04 14.29
CA PRO A 110 13.11 -9.97 13.94
C PRO A 110 14.00 -9.59 15.13
N GLN A 111 15.23 -10.09 15.11
CA GLN A 111 16.22 -9.76 16.12
C GLN A 111 16.57 -8.29 16.13
N LYS A 112 16.59 -7.66 14.94
CA LYS A 112 16.94 -6.24 14.86
C LYS A 112 15.89 -5.49 14.03
N PRO A 113 14.83 -5.01 14.70
CA PRO A 113 13.82 -4.26 13.96
C PRO A 113 14.41 -3.01 13.31
N MET A 114 13.80 -2.57 12.22
CA MET A 114 14.28 -1.41 11.50
C MET A 114 13.15 -0.80 10.75
N TRP A 115 13.18 0.52 10.59
CA TRP A 115 12.11 1.22 9.94
C TRP A 115 12.58 2.55 9.37
N LEU A 116 11.83 3.11 8.44
CA LEU A 116 12.37 4.26 7.66
C LEU A 116 12.64 5.47 8.55
N ASN A 117 11.75 5.76 9.49
CA ASN A 117 11.98 6.96 10.32
C ASN A 117 13.24 6.79 11.17
N LYS A 118 13.60 5.57 11.54
CA LYS A 118 14.83 5.30 12.31
C LYS A 118 16.06 5.56 11.42
N VAL A 119 15.98 5.11 10.18
CA VAL A 119 17.06 5.42 9.23
C VAL A 119 17.17 6.92 8.98
N LYS A 120 16.05 7.62 8.84
CA LYS A 120 16.04 9.07 8.70
C LYS A 120 16.75 9.75 9.89
N THR A 121 16.40 9.37 11.09
CA THR A 121 17.05 9.94 12.28
C THR A 121 18.54 9.61 12.29
N SER A 122 18.88 8.40 11.89
CA SER A 122 20.29 8.00 11.86
C SER A 122 21.08 8.83 10.88
N LEU A 123 20.51 9.11 9.73
CA LEU A 123 21.19 10.01 8.77
C LEU A 123 21.33 11.42 9.32
N ASN A 124 20.27 11.92 9.92
CA ASN A 124 20.27 13.28 10.47
C ASN A 124 21.34 13.45 11.53
N GLU A 125 21.53 12.41 12.34
CA GLU A 125 22.49 12.44 13.44
C GLU A 125 23.90 11.98 13.02
N GLN A 126 24.12 11.83 11.72
CA GLN A 126 25.41 11.42 11.13
C GLN A 126 25.94 10.15 11.80
N MET A 127 25.10 9.12 11.91
CA MET A 127 25.47 7.88 12.57
CA MET A 127 25.47 7.88 12.58
C MET A 127 26.10 6.88 11.61
N TYR A 128 26.01 7.14 10.31
CA TYR A 128 26.59 6.23 9.34
C TYR A 128 27.94 6.78 8.92
N THR A 129 28.98 5.96 9.02
CA THR A 129 30.30 6.43 8.54
C THR A 129 30.60 5.98 7.12
N ARG A 130 29.91 4.96 6.61
CA ARG A 130 30.05 4.56 5.22
CA ARG A 130 30.06 4.55 5.22
C ARG A 130 28.70 4.27 4.61
N VAL A 131 28.62 4.38 3.29
CA VAL A 131 27.38 4.08 2.59
C VAL A 131 26.84 2.71 2.96
N GLU A 132 27.73 1.74 3.19
CA GLU A 132 27.33 0.38 3.58
C GLU A 132 26.37 0.35 4.79
N GLY A 133 26.59 1.24 5.76
CA GLY A 133 25.76 1.24 6.97
C GLY A 133 24.33 1.60 6.65
N PHE A 134 24.16 2.58 5.78
CA PHE A 134 22.84 3.03 5.39
C PHE A 134 22.15 1.95 4.53
N VAL A 135 22.89 1.36 3.60
CA VAL A 135 22.28 0.40 2.71
C VAL A 135 21.90 -0.86 3.46
N GLN A 136 22.73 -1.27 4.43
CA GLN A 136 22.43 -2.45 5.23
C GLN A 136 21.13 -2.25 6.01
N ASP A 137 20.98 -1.08 6.62
CA ASP A 137 19.74 -0.81 7.39
C ASP A 137 18.54 -0.81 6.47
N MET A 138 18.68 -0.23 5.27
CA MET A 138 17.52 -0.19 4.39
C MET A 138 17.15 -1.59 3.94
N ARG A 139 18.16 -2.41 3.56
CA ARG A 139 17.81 -3.75 3.11
C ARG A 139 17.24 -4.58 4.24
N LEU A 140 17.63 -4.27 5.47
CA LEU A 140 17.14 -5.00 6.64
C LEU A 140 15.63 -4.80 6.86
N ILE A 141 15.16 -3.61 6.52
CA ILE A 141 13.73 -3.34 6.64
C ILE A 141 12.96 -4.39 5.84
N PHE A 142 13.38 -4.62 4.61
CA PHE A 142 12.56 -5.47 3.75
C PHE A 142 12.82 -6.93 4.07
N HIS A 143 14.03 -7.28 4.46
CA HIS A 143 14.33 -8.67 4.80
C HIS A 143 13.54 -9.10 6.04
N ASN A 144 13.47 -8.22 7.04
CA ASN A 144 12.70 -8.52 8.26
C ASN A 144 11.26 -8.80 7.91
N HIS A 145 10.73 -8.00 7.01
CA HIS A 145 9.33 -8.09 6.62
C HIS A 145 9.06 -9.44 5.93
N LYS A 146 9.93 -9.79 4.99
CA LYS A 146 9.74 -11.03 4.26
CA LYS A 146 9.81 -11.05 4.26
C LYS A 146 9.85 -12.24 5.20
N GLU A 147 10.79 -12.21 6.12
CA GLU A 147 10.90 -13.32 7.07
C GLU A 147 9.71 -13.44 8.03
N PHE A 148 9.16 -12.30 8.44
CA PHE A 148 8.08 -12.33 9.46
C PHE A 148 6.77 -12.80 8.83
N TYR A 149 6.45 -12.27 7.65
CA TYR A 149 5.13 -12.53 7.09
C TYR A 149 5.09 -13.83 6.30
N ARG A 150 6.25 -14.39 5.99
CA ARG A 150 6.31 -15.78 5.52
C ARG A 150 5.45 -15.96 4.29
N GLU A 151 4.42 -16.77 4.41
CA GLU A 151 3.62 -17.07 3.24
C GLU A 151 2.39 -16.19 3.12
N ASP A 152 2.19 -15.25 4.04
CA ASP A 152 1.12 -14.29 3.87
C ASP A 152 1.41 -13.47 2.61
N LYS A 153 0.36 -13.16 1.85
CA LYS A 153 0.54 -12.38 0.63
C LYS A 153 1.08 -10.97 0.96
N PHE A 154 0.95 -10.57 2.22
CA PHE A 154 1.44 -9.25 2.64
C PHE A 154 2.96 -9.17 2.45
N THR A 155 3.64 -10.31 2.36
CA THR A 155 5.08 -10.34 2.09
CA THR A 155 5.08 -10.30 2.10
C THR A 155 5.40 -9.49 0.86
N ARG A 156 4.50 -9.49 -0.11
CA ARG A 156 4.75 -8.79 -1.36
C ARG A 156 4.99 -7.28 -1.18
N LEU A 157 4.45 -6.67 -0.13
CA LEU A 157 4.71 -5.24 0.06
C LEU A 157 6.22 -4.99 0.25
N GLY A 158 6.91 -5.90 0.92
CA GLY A 158 8.35 -5.77 1.13
C GLY A 158 9.11 -5.93 -0.18
N ILE A 159 8.68 -6.87 -1.01
CA ILE A 159 9.30 -7.03 -2.33
C ILE A 159 9.12 -5.79 -3.20
N GLN A 160 7.92 -5.23 -3.18
CA GLN A 160 7.62 -4.05 -3.95
C GLN A 160 8.44 -2.83 -3.54
N VAL A 161 8.50 -2.56 -2.23
CA VAL A 161 9.22 -1.36 -1.81
C VAL A 161 10.73 -1.60 -1.92
N GLN A 162 11.19 -2.83 -1.73
CA GLN A 162 12.61 -3.11 -1.92
C GLN A 162 12.98 -2.85 -3.38
N ASP A 163 12.11 -3.23 -4.32
CA ASP A 163 12.42 -2.98 -5.74
CA ASP A 163 12.41 -2.97 -5.73
C ASP A 163 12.59 -1.49 -6.00
N ILE A 164 11.76 -0.63 -5.39
CA ILE A 164 11.91 0.81 -5.53
C ILE A 164 13.23 1.27 -4.96
N PHE A 165 13.58 0.77 -3.77
CA PHE A 165 14.89 1.09 -3.18
C PHE A 165 16.05 0.69 -4.13
N GLU A 166 16.02 -0.55 -4.62
CA GLU A 166 17.17 -1.06 -5.41
C GLU A 166 17.32 -0.33 -6.76
N LYS A 167 16.21 -0.08 -7.43
CA LYS A 167 16.25 0.69 -8.70
C LYS A 167 16.82 2.06 -8.46
N ASN A 168 16.37 2.73 -7.41
CA ASN A 168 16.92 4.06 -7.17
C ASN A 168 18.38 4.06 -6.70
N PHE A 169 18.77 3.02 -5.95
CA PHE A 169 20.17 2.85 -5.55
C PHE A 169 21.04 2.76 -6.78
N ARG A 170 20.63 1.93 -7.73
CA ARG A 170 21.44 1.73 -8.95
C ARG A 170 21.51 3.03 -9.75
N ASN A 171 20.42 3.79 -9.77
CA ASN A 171 20.42 5.04 -10.52
C ASN A 171 21.30 6.11 -9.83
N ILE A 172 21.04 6.33 -8.55
CA ILE A 172 21.67 7.43 -7.85
C ILE A 172 23.18 7.23 -7.73
N PHE A 173 23.59 5.98 -7.51
CA PHE A 173 25.01 5.72 -7.34
C PHE A 173 25.61 5.18 -8.64
N ALA A 174 24.88 5.27 -9.73
CA ALA A 174 25.44 4.92 -11.05
C ALA A 174 26.11 3.53 -11.06
N ILE A 175 25.36 2.55 -10.58
CA ILE A 175 25.86 1.19 -10.57
C ILE A 175 25.93 0.70 -12.02
N GLN A 176 27.05 0.05 -12.37
CA GLN A 176 27.21 -0.53 -13.72
C GLN A 176 26.07 -1.45 -14.09
N GLU A 177 25.43 -1.19 -15.23
CA GLU A 177 24.34 -2.03 -15.70
C GLU A 177 24.83 -3.43 -16.04
N THR A 178 24.03 -4.44 -15.65
CA THR A 178 24.34 -5.83 -15.99
C THR A 178 23.08 -6.60 -16.36
N SER A 179 23.25 -7.71 -17.08
CA SER A 179 22.16 -8.62 -17.42
C SER A 179 21.87 -9.63 -16.31
N GLU B 1 -24.01 -31.40 5.96
CA GLU B 1 -23.65 -30.36 6.92
C GLU B 1 -23.16 -29.08 6.24
N ASN B 2 -23.21 -29.03 4.92
CA ASN B 2 -22.97 -27.79 4.18
C ASN B 2 -24.05 -27.49 3.17
N SER B 3 -24.30 -26.21 2.94
CA SER B 3 -25.24 -25.74 1.93
C SER B 3 -24.91 -26.31 0.55
N ASN B 4 -25.96 -26.58 -0.23
CA ASN B 4 -25.78 -26.97 -1.62
C ASN B 4 -25.92 -25.81 -2.58
N ILE B 5 -25.86 -24.58 -2.07
CA ILE B 5 -25.76 -23.42 -2.97
C ILE B 5 -24.69 -22.47 -2.46
N CYS B 6 -24.17 -21.66 -3.39
CA CYS B 6 -23.14 -20.65 -3.09
C CYS B 6 -23.73 -19.58 -2.20
N GLU B 7 -23.02 -19.26 -1.11
CA GLU B 7 -23.46 -18.23 -0.18
C GLU B 7 -23.68 -16.86 -0.86
N VAL B 8 -22.88 -16.58 -1.88
CA VAL B 8 -22.85 -15.25 -2.48
C VAL B 8 -23.88 -15.11 -3.61
N CYS B 9 -23.86 -16.02 -4.58
CA CYS B 9 -24.73 -15.88 -5.76
C CYS B 9 -25.95 -16.79 -5.75
N ASN B 10 -26.04 -17.67 -4.76
CA ASN B 10 -27.16 -18.61 -4.54
C ASN B 10 -27.38 -19.61 -5.67
N LYS B 11 -26.34 -19.89 -6.44
CA LYS B 11 -26.41 -20.91 -7.48
C LYS B 11 -25.71 -22.20 -7.06
N TRP B 12 -26.08 -23.30 -7.70
CA TRP B 12 -25.53 -24.61 -7.40
C TRP B 12 -24.25 -24.83 -8.18
N GLY B 13 -23.56 -25.93 -7.86
CA GLY B 13 -22.48 -26.45 -8.69
C GLY B 13 -21.07 -25.93 -8.46
N ARG B 14 -20.08 -26.80 -8.59
CA ARG B 14 -18.68 -26.40 -8.50
C ARG B 14 -18.41 -25.69 -7.18
N LEU B 15 -18.94 -26.25 -6.09
CA LEU B 15 -18.89 -25.61 -4.79
C LEU B 15 -17.76 -26.09 -3.90
N PHE B 16 -17.23 -25.17 -3.10
CA PHE B 16 -16.23 -25.43 -2.07
C PHE B 16 -16.89 -25.23 -0.72
N CYS B 17 -16.84 -26.24 0.15
CA CYS B 17 -17.49 -26.13 1.44
CA CYS B 17 -17.48 -26.16 1.46
C CYS B 17 -16.52 -25.65 2.50
N CYS B 18 -17.00 -24.80 3.40
CA CYS B 18 -16.21 -24.39 4.54
C CYS B 18 -16.09 -25.54 5.55
N ASP B 19 -14.94 -25.67 6.21
CA ASP B 19 -14.77 -26.78 7.13
C ASP B 19 -15.18 -26.41 8.55
N THR B 20 -15.49 -25.15 8.78
CA THR B 20 -15.87 -24.70 10.13
C THR B 20 -17.25 -24.06 10.25
N CYS B 21 -17.98 -23.99 9.13
CA CYS B 21 -19.37 -23.57 9.15
C CYS B 21 -20.08 -24.19 7.94
N PRO B 22 -21.42 -24.06 7.88
CA PRO B 22 -22.15 -24.78 6.83
C PRO B 22 -22.15 -24.08 5.47
N ARG B 23 -21.47 -22.94 5.34
CA ARG B 23 -21.50 -22.20 4.08
C ARG B 23 -20.72 -22.89 2.95
N SER B 24 -21.12 -22.61 1.71
CA SER B 24 -20.43 -23.12 0.53
C SER B 24 -20.23 -21.98 -0.46
N PHE B 25 -19.24 -22.12 -1.35
CA PHE B 25 -18.83 -21.01 -2.23
C PHE B 25 -18.33 -21.49 -3.56
N HIS B 26 -18.63 -20.74 -4.62
CA HIS B 26 -17.82 -20.85 -5.82
C HIS B 26 -16.43 -20.27 -5.59
N GLU B 27 -15.47 -20.82 -6.32
CA GLU B 27 -14.06 -20.40 -6.21
C GLU B 27 -13.86 -18.88 -6.24
N HIS B 28 -14.52 -18.22 -7.19
CA HIS B 28 -14.33 -16.80 -7.38
C HIS B 28 -15.48 -15.95 -6.87
N CYS B 29 -16.45 -16.58 -6.22
CA CYS B 29 -17.48 -15.85 -5.46
C CYS B 29 -16.95 -15.53 -4.08
N HIS B 30 -16.19 -16.46 -3.50
CA HIS B 30 -15.51 -16.14 -2.25
C HIS B 30 -14.47 -15.07 -2.53
N ILE B 31 -14.19 -14.23 -1.54
CA ILE B 31 -13.13 -13.21 -1.63
C ILE B 31 -12.29 -13.31 -0.38
N PRO B 32 -10.96 -13.48 -0.51
CA PRO B 32 -10.25 -13.76 -1.76
C PRO B 32 -10.71 -15.11 -2.35
N SER B 33 -10.35 -15.36 -3.61
CA SER B 33 -10.68 -16.65 -4.21
C SER B 33 -10.26 -17.84 -3.35
N VAL B 34 -11.07 -18.90 -3.40
CA VAL B 34 -10.84 -20.07 -2.56
C VAL B 34 -9.45 -20.63 -2.83
N GLU B 35 -8.72 -20.96 -1.76
CA GLU B 35 -7.48 -21.75 -1.90
C GLU B 35 -7.86 -23.21 -2.11
N ALA B 36 -7.83 -23.66 -3.35
CA ALA B 36 -8.25 -25.01 -3.71
C ALA B 36 -7.29 -26.06 -3.14
N ASN B 37 -6.08 -25.61 -2.78
CA ASN B 37 -5.05 -26.46 -2.19
C ASN B 37 -5.23 -26.72 -0.70
N LYS B 38 -5.97 -25.83 -0.02
CA LYS B 38 -6.05 -25.82 1.44
C LYS B 38 -7.02 -26.86 2.01
N ASN B 39 -6.62 -27.47 3.12
CA ASN B 39 -7.44 -28.46 3.81
C ASN B 39 -6.89 -28.76 5.20
N PRO B 40 -7.63 -28.38 6.24
CA PRO B 40 -8.97 -27.76 6.13
C PRO B 40 -8.91 -26.32 5.62
N TRP B 41 -10.03 -25.87 5.07
CA TRP B 41 -10.19 -24.51 4.58
C TRP B 41 -11.34 -23.84 5.32
N SER B 42 -11.08 -22.67 5.91
CA SER B 42 -12.13 -21.88 6.55
C SER B 42 -12.45 -20.65 5.70
N CYS B 43 -13.74 -20.33 5.60
CA CYS B 43 -14.19 -19.19 4.83
C CYS B 43 -13.97 -17.85 5.55
N ILE B 44 -14.21 -16.76 4.82
CA ILE B 44 -14.01 -15.44 5.37
C ILE B 44 -14.97 -15.11 6.52
N PHE B 45 -16.18 -15.69 6.50
CA PHE B 45 -17.07 -15.45 7.64
C PHE B 45 -16.44 -16.00 8.93
N CYS B 46 -15.92 -17.22 8.84
CA CYS B 46 -15.26 -17.87 9.97
C CYS B 46 -14.00 -17.11 10.42
N ARG B 47 -13.18 -16.70 9.44
CA ARG B 47 -11.97 -15.96 9.76
C ARG B 47 -12.23 -14.62 10.41
N ILE B 48 -13.21 -13.88 9.90
CA ILE B 48 -13.62 -12.62 10.51
C ILE B 48 -14.15 -12.87 11.94
N LYS B 49 -14.94 -13.93 12.12
CA LYS B 49 -15.48 -14.23 13.47
C LYS B 49 -14.35 -14.52 14.45
N THR B 50 -13.35 -15.27 14.02
CA THR B 50 -12.21 -15.57 14.86
C THR B 50 -11.52 -14.28 15.31
N ILE B 51 -11.37 -13.33 14.41
CA ILE B 51 -10.77 -12.05 14.76
C ILE B 51 -11.63 -11.25 15.75
N GLN B 52 -12.94 -11.25 15.54
CA GLN B 52 -13.86 -10.55 16.42
C GLN B 52 -13.88 -11.14 17.82
N GLU B 53 -13.77 -12.46 17.93
CA GLU B 53 -13.85 -13.16 19.21
C GLU B 53 -12.56 -13.13 20.05
N ARG B 54 -11.46 -12.64 19.47
CA ARG B 54 -10.16 -12.70 20.12
C ARG B 54 -10.18 -11.98 21.49
N CYS B 55 -10.59 -10.72 21.47
CA CYS B 55 -10.70 -9.91 22.68
C CYS B 55 -11.66 -8.76 22.43
N PRO B 56 -12.97 -9.04 22.60
CA PRO B 56 -14.06 -8.09 22.36
C PRO B 56 -13.92 -6.76 23.11
N HIS B 62 -15.81 3.27 17.05
CA HIS B 62 -14.81 4.08 16.35
C HIS B 62 -15.42 5.15 15.47
N GLN B 63 -14.63 6.13 15.10
CA GLN B 63 -15.08 7.17 14.18
C GLN B 63 -14.65 6.83 12.77
N GLU B 64 -15.46 7.18 11.78
CA GLU B 64 -15.13 6.84 10.39
C GLU B 64 -13.78 7.42 9.96
N SER B 65 -13.48 8.68 10.32
CA SER B 65 -12.23 9.30 9.88
CA SER B 65 -12.22 9.30 9.92
C SER B 65 -11.00 8.50 10.36
N GLU B 66 -11.08 7.94 11.57
CA GLU B 66 -10.01 7.12 12.10
C GLU B 66 -9.87 5.84 11.27
N VAL B 67 -11.01 5.19 11.06
CA VAL B 67 -11.02 3.90 10.37
C VAL B 67 -10.44 4.05 8.97
N LEU B 68 -10.80 5.12 8.28
CA LEU B 68 -10.31 5.32 6.93
C LEU B 68 -8.78 5.45 6.87
N MET B 69 -8.18 5.93 7.94
CA MET B 69 -6.74 6.16 7.93
C MET B 69 -5.93 4.90 8.29
N ARG B 70 -6.62 3.79 8.60
CA ARG B 70 -5.93 2.56 8.92
C ARG B 70 -5.19 2.01 7.71
N GLN B 71 -3.93 1.62 7.91
CA GLN B 71 -3.18 1.02 6.82
C GLN B 71 -3.70 -0.39 6.57
N MET B 72 -3.53 -0.87 5.33
CA MET B 72 -4.05 -2.19 4.90
C MET B 72 -3.14 -3.33 5.32
N LEU B 73 -2.93 -3.43 6.64
CA LEU B 73 -2.35 -4.63 7.27
C LEU B 73 -3.26 -5.86 7.00
N PRO B 74 -2.74 -7.07 7.22
CA PRO B 74 -3.52 -8.28 6.85
C PRO B 74 -4.96 -8.31 7.37
N GLU B 75 -5.20 -7.90 8.62
CA GLU B 75 -6.58 -7.97 9.13
C GLU B 75 -7.48 -6.91 8.50
N GLU B 76 -6.97 -5.72 8.20
CA GLU B 76 -7.77 -4.70 7.54
C GLU B 76 -8.05 -5.05 6.06
N GLN B 77 -7.05 -5.67 5.42
CA GLN B 77 -7.22 -6.20 4.07
C GLN B 77 -8.35 -7.23 4.04
N LEU B 78 -8.34 -8.15 5.02
CA LEU B 78 -9.40 -9.16 5.11
C LEU B 78 -10.78 -8.50 5.37
N LYS B 79 -10.82 -7.51 6.26
CA LYS B 79 -12.12 -6.84 6.53
C LYS B 79 -12.68 -6.14 5.31
N CYS B 80 -11.81 -5.56 4.48
CA CYS B 80 -12.29 -4.97 3.26
C CYS B 80 -12.75 -6.01 2.23
N GLU B 81 -12.01 -7.13 2.15
CA GLU B 81 -12.46 -8.24 1.31
C GLU B 81 -13.85 -8.74 1.75
N PHE B 82 -14.07 -8.80 3.06
CA PHE B 82 -15.35 -9.29 3.58
C PHE B 82 -16.44 -8.30 3.24
N LEU B 83 -16.13 -7.01 3.39
CA LEU B 83 -17.08 -5.97 3.06
C LEU B 83 -17.47 -6.01 1.58
N LEU B 84 -16.48 -6.21 0.73
CA LEU B 84 -16.77 -6.30 -0.72
C LEU B 84 -17.66 -7.53 -0.97
N LEU B 85 -17.32 -8.63 -0.29
CA LEU B 85 -18.13 -9.87 -0.44
C LEU B 85 -19.58 -9.64 -0.02
N LYS B 86 -19.80 -8.91 1.08
CA LYS B 86 -21.20 -8.61 1.48
C LYS B 86 -21.98 -7.85 0.42
N VAL B 87 -21.34 -6.95 -0.32
CA VAL B 87 -22.03 -6.25 -1.40
C VAL B 87 -22.39 -7.23 -2.54
N TYR B 88 -21.44 -8.08 -2.94
CA TYR B 88 -21.73 -9.08 -3.97
C TYR B 88 -22.86 -10.05 -3.55
N CYS B 89 -23.06 -10.23 -2.25
CA CYS B 89 -24.14 -11.15 -1.75
C CYS B 89 -25.51 -10.64 -2.16
N ASP B 90 -25.64 -9.34 -2.41
CA ASP B 90 -26.95 -8.78 -2.79
C ASP B 90 -27.18 -8.97 -4.26
N SER B 91 -28.34 -9.49 -4.67
CA SER B 91 -28.50 -9.77 -6.09
C SER B 91 -28.41 -8.49 -6.97
N LYS B 92 -28.69 -7.32 -6.36
CA LYS B 92 -28.68 -6.08 -7.13
C LYS B 92 -27.23 -5.65 -7.45
N SER B 93 -26.27 -6.32 -6.84
CA SER B 93 -24.87 -6.06 -7.16
C SER B 93 -24.54 -6.33 -8.62
N CYS B 94 -25.36 -7.11 -9.31
CA CYS B 94 -25.06 -7.40 -10.72
C CYS B 94 -24.92 -6.13 -11.58
N PHE B 95 -25.69 -5.08 -11.25
CA PHE B 95 -25.73 -3.88 -12.06
C PHE B 95 -24.42 -3.13 -11.95
N PHE B 96 -23.66 -3.46 -10.89
CA PHE B 96 -22.45 -2.70 -10.55
C PHE B 96 -21.19 -3.53 -10.72
N ALA B 97 -21.31 -4.77 -11.20
CA ALA B 97 -20.16 -5.71 -11.16
C ALA B 97 -19.16 -5.48 -12.30
N SER B 98 -19.66 -5.30 -13.52
CA SER B 98 -18.82 -5.18 -14.70
C SER B 98 -18.68 -3.72 -15.16
N GLU B 99 -17.80 -3.49 -16.13
CA GLU B 99 -17.57 -2.15 -16.65
C GLU B 99 -18.83 -1.54 -17.22
N PRO B 100 -19.22 -0.37 -16.72
CA PRO B 100 -20.45 0.24 -17.22
C PRO B 100 -20.31 0.74 -18.64
N TYR B 101 -21.40 0.68 -19.37
CA TYR B 101 -21.50 1.31 -20.64
C TYR B 101 -22.24 2.65 -20.49
N TYR B 102 -21.63 3.73 -20.94
CA TYR B 102 -22.28 5.00 -20.77
C TYR B 102 -22.73 5.65 -22.09
N ASN B 103 -21.83 6.45 -22.64
CA ASN B 103 -22.10 7.34 -23.78
C ASN B 103 -21.21 6.97 -24.94
N GLY B 109 -17.44 9.35 -21.01
CA GLY B 109 -17.35 8.71 -19.70
C GLY B 109 -17.08 9.65 -18.54
N PRO B 110 -17.30 9.17 -17.30
CA PRO B 110 -17.11 9.98 -16.10
C PRO B 110 -15.64 10.23 -15.80
N GLN B 111 -15.36 11.09 -14.83
CA GLN B 111 -13.99 11.42 -14.45
C GLN B 111 -13.20 10.17 -14.10
N LYS B 112 -13.80 9.30 -13.29
CA LYS B 112 -13.19 8.02 -13.00
C LYS B 112 -14.24 6.91 -12.96
N PRO B 113 -14.28 6.10 -14.02
CA PRO B 113 -15.20 4.96 -14.01
C PRO B 113 -14.78 3.92 -12.97
N MET B 114 -15.77 3.23 -12.41
CA MET B 114 -15.50 2.28 -11.35
C MET B 114 -16.58 1.21 -11.32
N TRP B 115 -16.19 0.00 -10.95
CA TRP B 115 -17.15 -1.10 -10.88
C TRP B 115 -16.59 -2.14 -9.89
N LEU B 116 -17.42 -3.08 -9.43
CA LEU B 116 -17.03 -3.95 -8.35
C LEU B 116 -15.88 -4.86 -8.76
N ASN B 117 -15.90 -5.39 -9.98
CA ASN B 117 -14.86 -6.32 -10.35
C ASN B 117 -13.50 -5.61 -10.41
N LYS B 118 -13.51 -4.32 -10.72
CA LYS B 118 -12.26 -3.55 -10.70
C LYS B 118 -11.75 -3.33 -9.26
N VAL B 119 -12.66 -3.05 -8.33
CA VAL B 119 -12.27 -3.02 -6.92
C VAL B 119 -11.73 -4.38 -6.44
N LYS B 120 -12.36 -5.47 -6.86
CA LYS B 120 -11.89 -6.80 -6.48
C LYS B 120 -10.46 -7.03 -6.98
N THR B 121 -10.23 -6.68 -8.23
CA THR B 121 -8.88 -6.77 -8.79
C THR B 121 -7.90 -5.88 -8.05
N SER B 122 -8.31 -4.65 -7.71
CA SER B 122 -7.40 -3.74 -7.00
C SER B 122 -7.05 -4.29 -5.60
N LEU B 123 -8.00 -4.89 -4.89
CA LEU B 123 -7.68 -5.56 -3.64
C LEU B 123 -6.72 -6.72 -3.81
N ASN B 124 -6.98 -7.56 -4.81
CA ASN B 124 -6.11 -8.71 -5.08
C ASN B 124 -4.68 -8.23 -5.36
N GLU B 125 -4.57 -7.08 -6.03
CA GLU B 125 -3.26 -6.59 -6.44
C GLU B 125 -2.64 -5.67 -5.40
N GLN B 126 -3.27 -5.56 -4.23
CA GLN B 126 -2.78 -4.77 -3.11
C GLN B 126 -2.56 -3.31 -3.52
N MET B 127 -3.52 -2.76 -4.24
CA MET B 127 -3.45 -1.39 -4.74
CA MET B 127 -3.43 -1.38 -4.72
C MET B 127 -3.90 -0.34 -3.73
N TYR B 128 -4.50 -0.77 -2.62
CA TYR B 128 -4.93 0.17 -1.59
C TYR B 128 -3.97 0.11 -0.43
N THR B 129 -3.41 1.27 -0.03
CA THR B 129 -2.53 1.30 1.16
C THR B 129 -3.26 1.60 2.44
N ARG B 130 -4.42 2.26 2.33
CA ARG B 130 -5.26 2.53 3.48
CA ARG B 130 -5.26 2.50 3.50
C ARG B 130 -6.71 2.14 3.20
N VAL B 131 -7.46 1.91 4.26
CA VAL B 131 -8.90 1.58 4.10
C VAL B 131 -9.62 2.70 3.28
N GLU B 132 -9.24 3.96 3.49
CA GLU B 132 -9.71 5.07 2.65
C GLU B 132 -9.78 4.84 1.14
N GLY B 133 -8.74 4.23 0.55
CA GLY B 133 -8.73 4.07 -0.89
C GLY B 133 -9.81 3.11 -1.37
N PHE B 134 -9.97 2.02 -0.63
CA PHE B 134 -11.03 1.06 -0.94
C PHE B 134 -12.42 1.71 -0.78
N VAL B 135 -12.65 2.36 0.36
CA VAL B 135 -13.95 2.98 0.61
C VAL B 135 -14.24 4.04 -0.45
N GLN B 136 -13.24 4.82 -0.84
CA GLN B 136 -13.45 5.83 -1.85
C GLN B 136 -13.88 5.23 -3.19
N ASP B 137 -13.27 4.13 -3.59
CA ASP B 137 -13.64 3.52 -4.87
C ASP B 137 -15.07 2.94 -4.78
N MET B 138 -15.40 2.34 -3.64
CA MET B 138 -16.77 1.76 -3.49
C MET B 138 -17.82 2.85 -3.57
N ARG B 139 -17.57 3.97 -2.90
CA ARG B 139 -18.53 5.09 -2.96
C ARG B 139 -18.63 5.72 -4.36
N LEU B 140 -17.51 5.73 -5.09
CA LEU B 140 -17.48 6.28 -6.44
C LEU B 140 -18.42 5.51 -7.37
N ILE B 141 -18.50 4.19 -7.20
CA ILE B 141 -19.42 3.37 -8.00
C ILE B 141 -20.85 3.94 -7.94
N PHE B 142 -21.29 4.21 -6.73
CA PHE B 142 -22.68 4.61 -6.55
C PHE B 142 -22.86 6.08 -6.92
N HIS B 143 -21.81 6.87 -6.73
CA HIS B 143 -21.85 8.26 -7.22
C HIS B 143 -22.04 8.36 -8.73
N ASN B 144 -21.24 7.63 -9.49
CA ASN B 144 -21.31 7.68 -10.92
C ASN B 144 -22.69 7.23 -11.39
N HIS B 145 -23.23 6.20 -10.74
CA HIS B 145 -24.57 5.71 -11.07
C HIS B 145 -25.64 6.81 -10.97
N LYS B 146 -25.62 7.53 -9.86
CA LYS B 146 -26.61 8.59 -9.64
C LYS B 146 -26.42 9.72 -10.64
N GLU B 147 -25.19 10.05 -11.00
CA GLU B 147 -24.93 11.15 -11.93
C GLU B 147 -25.26 10.81 -13.38
N PHE B 148 -25.31 9.53 -13.70
CA PHE B 148 -25.64 9.13 -15.05
C PHE B 148 -27.16 8.98 -15.23
N TYR B 149 -27.77 8.24 -14.35
CA TYR B 149 -29.20 8.03 -14.34
C TYR B 149 -30.08 9.19 -13.91
N ARG B 150 -29.62 9.98 -12.95
CA ARG B 150 -30.23 11.26 -12.63
C ARG B 150 -31.70 11.08 -12.22
N GLU B 151 -32.60 11.69 -12.95
CA GLU B 151 -34.02 11.57 -12.67
C GLU B 151 -34.62 10.20 -12.77
N ASP B 152 -34.05 9.36 -13.63
CA ASP B 152 -34.64 8.07 -13.88
C ASP B 152 -34.73 7.27 -12.60
N LYS B 153 -35.83 6.56 -12.45
CA LYS B 153 -36.02 5.78 -11.23
C LYS B 153 -34.95 4.71 -10.99
N PHE B 154 -34.20 4.39 -12.05
CA PHE B 154 -33.14 3.38 -11.94
C PHE B 154 -32.04 3.87 -10.98
N THR B 155 -31.99 5.17 -10.74
CA THR B 155 -31.07 5.75 -9.75
CA THR B 155 -31.02 5.70 -9.77
C THR B 155 -31.20 5.06 -8.40
N ARG B 156 -32.42 4.63 -8.08
CA ARG B 156 -32.70 4.00 -6.80
C ARG B 156 -31.87 2.70 -6.55
N LEU B 157 -31.49 1.99 -7.62
CA LEU B 157 -30.65 0.81 -7.45
C LEU B 157 -29.33 1.18 -6.79
N GLY B 158 -28.78 2.34 -7.18
CA GLY B 158 -27.54 2.86 -6.61
C GLY B 158 -27.67 3.19 -5.13
N ILE B 159 -28.78 3.83 -4.76
CA ILE B 159 -29.07 4.08 -3.36
C ILE B 159 -29.20 2.80 -2.55
N GLN B 160 -29.91 1.81 -3.11
CA GLN B 160 -30.10 0.58 -2.38
C GLN B 160 -28.81 -0.22 -2.07
N VAL B 161 -27.96 -0.35 -3.09
CA VAL B 161 -26.74 -1.13 -2.94
C VAL B 161 -25.74 -0.33 -2.10
N GLN B 162 -25.72 1.01 -2.23
CA GLN B 162 -24.86 1.81 -1.33
C GLN B 162 -25.28 1.62 0.12
N ASP B 163 -26.59 1.56 0.38
CA ASP B 163 -26.95 1.37 1.76
CA ASP B 163 -27.04 1.33 1.75
C ASP B 163 -26.51 0.00 2.31
N ILE B 164 -26.52 -1.02 1.46
CA ILE B 164 -25.94 -2.29 1.85
C ILE B 164 -24.45 -2.11 2.20
N PHE B 165 -23.72 -1.44 1.30
CA PHE B 165 -22.30 -1.19 1.59
C PHE B 165 -22.09 -0.44 2.91
N GLU B 166 -22.84 0.65 3.11
CA GLU B 166 -22.61 1.48 4.30
C GLU B 166 -22.99 0.77 5.62
N LYS B 167 -24.10 0.03 5.62
CA LYS B 167 -24.45 -0.74 6.81
C LYS B 167 -23.39 -1.77 7.16
N ASN B 168 -22.85 -2.45 6.14
CA ASN B 168 -21.84 -3.47 6.42
C ASN B 168 -20.49 -2.84 6.83
N PHE B 169 -20.19 -1.68 6.25
CA PHE B 169 -19.00 -0.91 6.63
C PHE B 169 -19.01 -0.57 8.12
N ARG B 170 -20.12 -0.01 8.62
CA ARG B 170 -20.16 0.30 10.04
C ARG B 170 -20.15 -0.95 10.93
N ASN B 171 -20.78 -2.03 10.48
CA ASN B 171 -20.80 -3.24 11.29
C ASN B 171 -19.42 -3.89 11.37
N ILE B 172 -18.77 -4.02 10.22
CA ILE B 172 -17.48 -4.72 10.17
C ILE B 172 -16.37 -3.96 10.90
N PHE B 173 -16.41 -2.64 10.82
CA PHE B 173 -15.37 -1.81 11.42
C PHE B 173 -15.82 -1.18 12.74
N ALA B 174 -16.98 -1.61 13.24
CA ALA B 174 -17.51 -1.14 14.53
C ALA B 174 -17.54 0.38 14.61
N ILE B 175 -18.15 1.00 13.61
CA ILE B 175 -18.23 2.46 13.53
C ILE B 175 -19.33 2.94 14.45
N GLN B 176 -19.06 4.00 15.20
CA GLN B 176 -20.03 4.60 16.12
C GLN B 176 -21.42 4.76 15.50
ZN ZN C . 4.52 15.82 1.92
ZN ZN D . 14.50 21.73 -7.05
O1 MES E . -3.49 -10.16 17.48
C2 MES E . -3.26 -11.22 16.57
C3 MES E . -2.24 -10.84 15.51
N4 MES E . -2.62 -9.55 14.94
C5 MES E . -3.21 -8.47 15.72
C6 MES E . -4.07 -9.02 16.86
C7 MES E . -2.15 -9.21 13.58
C8 MES E . -1.33 -10.36 12.99
S MES E . -1.07 -10.14 11.34
O1S MES E . -2.21 -10.81 10.65
O2S MES E . -1.03 -8.71 11.01
O3S MES E . 0.17 -10.83 10.95
C1 EDO F . 26.34 -6.84 -1.84
O1 EDO F . 25.07 -6.71 -2.49
C2 EDO F . 27.49 -6.64 -2.83
O2 EDO F . 28.28 -5.49 -2.48
C1 EDO G . 5.43 -4.20 9.82
O1 EDO G . 4.16 -4.62 9.34
C2 EDO G . 6.40 -4.07 8.63
O2 EDO G . 6.75 -5.41 8.31
C W77 H . 5.88 16.91 12.02
N W77 H . 5.28 15.00 10.78
O W77 H . 8.75 12.75 10.89
CL W77 H . 10.70 10.92 11.65
C1 W77 H . 7.20 16.50 12.06
N1 W77 H . 8.91 14.93 11.49
CL1 W77 H . 15.44 13.36 11.28
C2 W77 H . 7.55 15.31 11.43
C3 W77 H . 6.54 14.59 10.81
C4 W77 H . 4.96 16.13 11.38
C5 W77 H . 9.43 13.72 11.17
C6 W77 H . 10.94 13.61 11.21
C7 W77 H . 11.72 14.74 11.03
C8 W77 H . 13.09 14.68 11.05
C9 W77 H . 13.70 13.46 11.25
C10 W77 H . 12.96 12.31 11.44
C11 W77 H . 11.58 12.40 11.41
H W77 H . 5.62 17.71 12.44
H1 W77 H . 7.85 17.03 12.50
HN1 W77 H . 9.48 15.53 11.77
H3 W77 H . 6.77 13.78 10.38
H4 W77 H . 4.05 16.42 11.36
H7 W77 H . 11.30 15.58 10.89
H8 W77 H . 13.61 15.45 10.93
H10 W77 H . 13.39 11.49 11.57
ZN ZN I . -21.36 -18.17 -6.45
ZN ZN J . -17.07 -20.75 7.30
C1 EDO K . -4.21 -13.27 8.54
O1 EDO K . -4.81 -14.10 7.53
C2 EDO K . -5.09 -12.07 8.85
O2 EDO K . -6.31 -12.49 9.48
C W77 L . -16.18 -16.10 -13.27
N W77 L . -14.26 -17.45 -13.68
O W77 L . -14.36 -12.52 -12.00
CL W77 L . -13.24 -10.02 -11.50
C1 W77 L . -15.39 -15.13 -12.67
N1 W77 L . -13.12 -14.42 -11.98
CL1 W77 L . -9.25 -10.65 -8.01
C2 W77 L . -14.02 -15.33 -12.58
C3 W77 L . -13.51 -16.52 -13.10
C4 W77 L . -15.58 -17.24 -13.76
C5 W77 L . -13.36 -13.14 -11.62
C6 W77 L . -12.34 -12.50 -10.74
C7 W77 L . -11.48 -13.28 -9.98
C8 W77 L . -10.52 -12.73 -9.14
C9 W77 L . -10.43 -11.36 -9.05
C10 W77 L . -11.27 -10.54 -9.78
C11 W77 L . -12.23 -11.12 -10.61
H W77 L . -17.11 -15.98 -13.34
H1 W77 L . -15.79 -14.34 -12.33
HN1 W77 L . -12.32 -14.73 -11.83
H3 W77 L . -12.57 -16.67 -13.04
H4 W77 L . -16.12 -17.89 -14.17
H7 W77 L . -11.53 -14.23 -10.05
H8 W77 L . -9.95 -13.28 -8.65
H10 W77 L . -11.21 -9.60 -9.71
CL CL M . -24.63 1.79 -13.22
#